data_5KF4
#
_entry.id   5KF4
#
_cell.length_a   56.476
_cell.length_b   78.597
_cell.length_c   81.989
_cell.angle_alpha   90.000
_cell.angle_beta   90.000
_cell.angle_gamma   90.000
#
_symmetry.space_group_name_H-M   'P 21 21 21'
#
loop_
_entity.id
_entity.type
_entity.pdbx_description
1 polymer 'Collagen alpha-1(XX) chain'
2 water water
#
_entity_poly.entity_id   1
_entity_poly.type   'polypeptide(L)'
_entity_poly.pdbx_seq_one_letter_code
;GPAAAPALDTLPAPTSLVLSQVTSSSIRLSWTPAPRHPLKYLIVWRASRGGTPREVVVEGPAASTELHNLASRTEYLVSV
FPIYEGGVGEGLRGLVTTAP
;
_entity_poly.pdbx_strand_id   A,B,C,D
#
# COMPACT_ATOMS: atom_id res chain seq x y z
N PRO A 2 -21.44 -18.84 -11.17
CA PRO A 2 -22.86 -18.47 -11.29
C PRO A 2 -23.39 -17.78 -10.04
N ALA A 3 -23.84 -18.58 -9.09
CA ALA A 3 -24.40 -18.08 -7.83
C ALA A 3 -23.47 -18.33 -6.66
N ALA A 4 -22.47 -17.47 -6.49
CA ALA A 4 -21.46 -17.65 -5.45
C ALA A 4 -22.10 -17.67 -4.08
N ALA A 5 -21.40 -18.26 -3.12
CA ALA A 5 -21.92 -18.40 -1.76
C ALA A 5 -21.53 -17.26 -0.84
N PRO A 6 -22.53 -16.58 -0.25
CA PRO A 6 -22.29 -15.44 0.62
C PRO A 6 -21.54 -15.88 1.87
N ALA A 7 -20.68 -15.00 2.39
CA ALA A 7 -19.92 -15.32 3.59
C ALA A 7 -20.44 -14.50 4.76
N LEU A 8 -20.53 -15.12 5.93
CA LEU A 8 -21.05 -14.40 7.07
C LEU A 8 -19.87 -13.62 7.62
N ASP A 9 -20.03 -12.31 7.73
CA ASP A 9 -18.95 -11.45 8.19
C ASP A 9 -18.85 -11.47 9.71
N THR A 10 -19.72 -12.25 10.32
CA THR A 10 -19.80 -12.36 11.76
C THR A 10 -19.52 -13.81 12.17
N LEU A 11 -18.26 -14.12 12.46
CA LEU A 11 -17.87 -15.48 12.81
C LEU A 11 -16.42 -15.48 13.21
N PRO A 12 -15.99 -16.44 14.05
CA PRO A 12 -14.55 -16.38 14.31
C PRO A 12 -13.77 -16.65 13.04
N ALA A 13 -12.81 -15.77 12.77
CA ALA A 13 -11.99 -15.84 11.57
C ALA A 13 -10.52 -15.98 11.92
N PRO A 14 -9.74 -16.60 11.04
CA PRO A 14 -8.32 -16.53 11.35
C PRO A 14 -7.82 -15.10 11.08
N THR A 15 -6.64 -14.77 11.58
CA THR A 15 -6.09 -13.45 11.40
C THR A 15 -4.68 -13.51 10.84
N SER A 16 -4.17 -12.35 10.41
CA SER A 16 -2.77 -12.18 10.05
C SER A 16 -2.31 -13.12 8.95
N LEU A 17 -2.81 -12.90 7.73
CA LEU A 17 -2.45 -13.73 6.59
C LEU A 17 -1.03 -13.45 6.12
N VAL A 18 -0.22 -14.49 5.98
CA VAL A 18 1.16 -14.35 5.54
C VAL A 18 1.42 -15.18 4.28
N LEU A 19 1.75 -14.50 3.19
CA LEU A 19 2.01 -15.16 1.91
C LEU A 19 3.51 -15.17 1.61
N SER A 20 4.15 -16.33 1.76
CA SER A 20 5.60 -16.43 1.62
C SER A 20 6.04 -17.57 0.71
N GLN A 21 7.34 -17.86 0.71
CA GLN A 21 7.93 -18.93 -0.10
C GLN A 21 7.42 -18.91 -1.53
N VAL A 22 7.45 -17.72 -2.13
CA VAL A 22 6.91 -17.54 -3.45
C VAL A 22 7.88 -18.06 -4.49
N THR A 23 7.42 -19.01 -5.29
CA THR A 23 8.22 -19.53 -6.38
C THR A 23 7.53 -19.25 -7.70
N SER A 24 8.00 -19.88 -8.77
CA SER A 24 7.39 -19.73 -10.07
C SER A 24 6.01 -20.38 -10.15
N SER A 25 5.79 -21.37 -9.29
CA SER A 25 4.57 -22.16 -9.36
C SER A 25 3.86 -22.37 -8.03
N SER A 26 4.41 -21.82 -6.96
CA SER A 26 3.87 -22.03 -5.62
C SER A 26 3.98 -20.82 -4.70
N ILE A 27 3.04 -20.72 -3.76
CA ILE A 27 3.16 -19.76 -2.67
C ILE A 27 2.80 -20.48 -1.37
N ARG A 28 3.27 -19.97 -0.24
CA ARG A 28 2.80 -20.52 1.02
C ARG A 28 1.82 -19.55 1.63
N LEU A 29 0.78 -20.12 2.24
CA LEU A 29 -0.25 -19.33 2.89
C LEU A 29 -0.16 -19.60 4.38
N SER A 30 -0.25 -18.53 5.17
CA SER A 30 -0.18 -18.67 6.61
C SER A 30 -1.14 -17.70 7.29
N TRP A 31 -1.73 -18.13 8.38
CA TRP A 31 -2.73 -17.32 9.08
C TRP A 31 -2.74 -17.64 10.56
N THR A 32 -3.25 -16.73 11.39
CA THR A 32 -3.39 -17.02 12.82
C THR A 32 -4.82 -17.42 13.14
N PRO A 33 -5.04 -18.69 13.49
CA PRO A 33 -6.38 -19.24 13.74
C PRO A 33 -7.01 -18.69 15.01
N ALA A 34 -8.34 -18.59 15.01
CA ALA A 34 -9.08 -18.26 16.22
C ALA A 34 -8.98 -19.42 17.22
N PRO A 35 -9.14 -19.12 18.52
CA PRO A 35 -9.07 -20.12 19.60
C PRO A 35 -10.01 -21.30 19.36
N ARG A 36 -11.17 -21.04 18.78
CA ARG A 36 -12.07 -22.11 18.38
C ARG A 36 -11.72 -22.56 16.97
N HIS A 37 -11.18 -23.76 16.86
CA HIS A 37 -10.75 -24.26 15.58
C HIS A 37 -11.97 -24.75 14.80
N PRO A 38 -12.01 -24.44 13.49
CA PRO A 38 -13.18 -24.83 12.70
C PRO A 38 -13.17 -26.30 12.32
N LEU A 39 -14.20 -26.72 11.60
CA LEU A 39 -14.20 -28.07 11.07
C LEU A 39 -13.29 -28.05 9.85
N LYS A 40 -13.38 -26.96 9.07
CA LYS A 40 -12.62 -26.82 7.83
C LYS A 40 -12.26 -25.37 7.49
N TYR A 41 -11.37 -25.21 6.51
CA TYR A 41 -11.05 -23.92 5.88
C TYR A 41 -11.22 -23.99 4.36
N LEU A 42 -11.86 -22.98 3.76
CA LEU A 42 -11.91 -22.87 2.31
C LEU A 42 -10.87 -21.89 1.78
N ILE A 43 -10.00 -22.37 0.90
CA ILE A 43 -8.96 -21.56 0.27
C ILE A 43 -9.23 -21.35 -1.22
N VAL A 44 -9.23 -20.08 -1.65
CA VAL A 44 -9.55 -19.71 -3.03
C VAL A 44 -8.45 -18.88 -3.65
N TRP A 45 -7.97 -19.27 -4.84
CA TRP A 45 -7.03 -18.43 -5.57
C TRP A 45 -7.36 -18.35 -7.07
N ARG A 46 -7.25 -17.16 -7.63
CA ARG A 46 -7.51 -16.93 -9.04
C ARG A 46 -6.55 -15.90 -9.63
N ALA A 47 -6.30 -16.00 -10.93
CA ALA A 47 -5.48 -14.99 -11.60
C ALA A 47 -6.26 -13.67 -11.62
N SER A 48 -5.62 -12.61 -11.14
CA SER A 48 -6.28 -11.32 -10.93
C SER A 48 -6.80 -10.67 -12.22
N ARG A 49 -6.24 -11.08 -13.36
CA ARG A 49 -6.59 -10.46 -14.63
C ARG A 49 -7.70 -11.19 -15.37
N GLY A 50 -8.30 -12.18 -14.73
CA GLY A 50 -9.37 -12.92 -15.35
C GLY A 50 -9.03 -14.38 -15.52
N GLY A 51 -9.60 -15.22 -14.68
CA GLY A 51 -9.38 -16.64 -14.76
C GLY A 51 -10.37 -17.36 -13.86
N THR A 52 -10.57 -18.65 -14.11
CA THR A 52 -11.49 -19.43 -13.30
C THR A 52 -10.85 -19.67 -11.94
N PRO A 53 -11.59 -19.38 -10.85
CA PRO A 53 -11.09 -19.60 -9.50
C PRO A 53 -10.81 -21.06 -9.18
N ARG A 54 -9.76 -21.28 -8.40
CA ARG A 54 -9.41 -22.62 -7.95
C ARG A 54 -9.57 -22.69 -6.44
N GLU A 55 -9.89 -23.86 -5.93
CA GLU A 55 -10.19 -24.00 -4.51
C GLU A 55 -9.68 -25.31 -3.91
N VAL A 56 -9.51 -25.28 -2.60
CA VAL A 56 -9.21 -26.48 -1.84
C VAL A 56 -9.76 -26.24 -0.44
N VAL A 57 -10.33 -27.27 0.16
CA VAL A 57 -10.80 -27.12 1.52
C VAL A 57 -9.85 -27.90 2.43
N VAL A 58 -9.43 -27.27 3.53
CA VAL A 58 -8.52 -27.93 4.46
C VAL A 58 -9.14 -27.96 5.85
N GLU A 59 -8.50 -28.64 6.79
CA GLU A 59 -9.10 -28.88 8.10
C GLU A 59 -9.00 -27.71 9.05
N GLY A 60 -9.83 -27.73 10.08
CA GLY A 60 -9.84 -26.71 11.10
C GLY A 60 -8.56 -26.45 11.87
N PRO A 61 -7.84 -27.51 12.29
CA PRO A 61 -6.62 -27.20 13.03
C PRO A 61 -5.44 -26.92 12.13
N ALA A 62 -5.70 -26.75 10.84
CA ALA A 62 -4.62 -26.47 9.91
C ALA A 62 -4.19 -25.03 10.14
N ALA A 63 -2.89 -24.79 10.09
CA ALA A 63 -2.38 -23.45 10.31
C ALA A 63 -1.59 -22.99 9.10
N SER A 64 -1.54 -23.86 8.11
CA SER A 64 -0.76 -23.61 6.91
C SER A 64 -1.21 -24.57 5.81
N THR A 65 -1.10 -24.11 4.58
CA THR A 65 -1.25 -24.98 3.43
C THR A 65 -0.47 -24.34 2.30
N GLU A 66 0.00 -25.15 1.37
CA GLU A 66 0.73 -24.64 0.23
C GLU A 66 -0.07 -24.77 -1.05
N LEU A 67 -0.08 -23.71 -1.85
CA LEU A 67 -0.72 -23.76 -3.15
C LEU A 67 0.35 -24.15 -4.17
N HIS A 68 -0.01 -25.00 -5.11
CA HIS A 68 0.94 -25.48 -6.10
C HIS A 68 0.40 -25.30 -7.52
N ASN A 69 1.26 -25.61 -8.50
CA ASN A 69 0.88 -25.61 -9.91
C ASN A 69 0.35 -24.27 -10.38
N LEU A 70 0.96 -23.20 -9.87
CA LEU A 70 0.57 -21.85 -10.27
C LEU A 70 1.35 -21.40 -11.51
N ALA A 71 0.72 -20.55 -12.31
CA ALA A 71 1.40 -19.98 -13.47
C ALA A 71 2.39 -18.91 -13.04
N SER A 72 3.52 -18.85 -13.73
CA SER A 72 4.59 -17.90 -13.42
C SER A 72 4.22 -16.47 -13.85
N ARG A 73 4.89 -15.49 -13.25
CA ARG A 73 4.69 -14.08 -13.59
C ARG A 73 3.24 -13.68 -13.50
N THR A 74 2.53 -14.23 -12.52
CA THR A 74 1.08 -14.06 -12.46
C THR A 74 0.63 -13.54 -11.10
N GLU A 75 -0.30 -12.60 -11.12
CA GLU A 75 -0.89 -12.08 -9.89
C GLU A 75 -2.11 -12.88 -9.50
N TYR A 76 -2.12 -13.34 -8.25
CA TYR A 76 -3.25 -14.09 -7.72
C TYR A 76 -3.95 -13.40 -6.56
N LEU A 77 -5.28 -13.45 -6.56
CA LEU A 77 -6.06 -13.10 -5.38
C LEU A 77 -6.23 -14.36 -4.56
N VAL A 78 -5.78 -14.33 -3.32
CA VAL A 78 -5.79 -15.53 -2.49
C VAL A 78 -6.66 -15.33 -1.26
N SER A 79 -7.63 -16.23 -1.05
CA SER A 79 -8.58 -16.06 0.03
C SER A 79 -8.62 -17.27 0.99
N VAL A 80 -8.86 -16.99 2.27
CA VAL A 80 -9.00 -18.02 3.28
C VAL A 80 -10.35 -17.92 3.99
N PHE A 81 -11.20 -18.91 3.78
CA PHE A 81 -12.54 -18.91 4.38
C PHE A 81 -12.66 -19.97 5.47
N PRO A 82 -13.00 -19.55 6.69
CA PRO A 82 -13.20 -20.57 7.74
C PRO A 82 -14.52 -21.30 7.61
N ILE A 83 -14.51 -22.61 7.84
CA ILE A 83 -15.73 -23.38 7.74
C ILE A 83 -16.09 -24.01 9.09
N TYR A 84 -17.10 -23.45 9.74
CA TYR A 84 -17.64 -23.95 11.00
C TYR A 84 -19.03 -24.52 10.73
N GLU A 85 -19.71 -24.94 11.81
CA GLU A 85 -21.12 -25.34 11.72
C GLU A 85 -22.06 -24.17 11.46
N GLY A 86 -21.67 -22.96 11.89
CA GLY A 86 -22.52 -21.79 11.77
C GLY A 86 -22.52 -21.12 10.40
N GLY A 87 -21.77 -21.69 9.46
CA GLY A 87 -21.77 -21.24 8.09
C GLY A 87 -20.38 -21.01 7.52
N VAL A 88 -20.30 -20.21 6.46
CA VAL A 88 -19.00 -19.81 5.92
C VAL A 88 -18.71 -18.38 6.37
N GLY A 89 -17.55 -18.18 6.99
CA GLY A 89 -17.19 -16.87 7.47
C GLY A 89 -16.36 -16.05 6.51
N GLU A 90 -16.49 -14.73 6.60
CA GLU A 90 -15.60 -13.83 5.87
C GLU A 90 -14.16 -14.14 6.28
N GLY A 91 -13.23 -14.01 5.34
CA GLY A 91 -11.87 -14.41 5.60
C GLY A 91 -10.78 -13.41 5.24
N LEU A 92 -9.56 -13.93 5.14
CA LEU A 92 -8.40 -13.11 4.84
C LEU A 92 -8.10 -13.17 3.35
N ARG A 93 -7.54 -12.10 2.81
CA ARG A 93 -7.10 -12.14 1.43
C ARG A 93 -5.96 -11.17 1.13
N GLY A 94 -5.25 -11.45 0.04
CA GLY A 94 -4.15 -10.62 -0.40
C GLY A 94 -3.71 -10.95 -1.82
N LEU A 95 -2.93 -10.05 -2.40
CA LEU A 95 -2.42 -10.25 -3.75
C LEU A 95 -0.96 -10.65 -3.70
N VAL A 96 -0.60 -11.68 -4.46
CA VAL A 96 0.80 -12.06 -4.61
C VAL A 96 1.09 -12.42 -6.07
N THR A 97 2.23 -11.92 -6.57
CA THR A 97 2.66 -12.23 -7.93
C THR A 97 3.78 -13.27 -7.85
N THR A 98 3.60 -14.39 -8.55
CA THR A 98 4.60 -15.45 -8.54
C THR A 98 5.88 -15.01 -9.24
N ALA A 99 6.99 -15.60 -8.84
CA ALA A 99 8.29 -15.33 -9.44
C ALA A 99 8.28 -15.65 -10.95
N PRO A 100 9.17 -15.00 -11.71
CA PRO A 100 9.24 -15.23 -13.17
C PRO A 100 9.60 -16.68 -13.54
N PRO B 2 14.75 19.87 16.90
CA PRO B 2 14.73 20.10 18.35
C PRO B 2 13.34 19.92 18.93
N ALA B 3 12.56 20.99 19.05
CA ALA B 3 11.20 20.88 19.53
C ALA B 3 10.26 21.23 18.38
N ALA B 4 9.69 20.21 17.74
CA ALA B 4 8.86 20.43 16.57
C ALA B 4 7.62 21.24 16.91
N ALA B 5 7.03 21.86 15.90
CA ALA B 5 5.83 22.66 16.09
C ALA B 5 4.59 21.80 15.88
N PRO B 6 3.73 21.74 16.91
CA PRO B 6 2.54 20.88 16.88
C PRO B 6 1.52 21.32 15.83
N ALA B 7 0.82 20.35 15.25
CA ALA B 7 -0.20 20.65 14.26
C ALA B 7 -1.58 20.40 14.86
N LEU B 8 -2.50 21.33 14.61
CA LEU B 8 -3.84 21.28 15.19
C LEU B 8 -4.85 20.54 14.33
N ASP B 9 -5.63 19.67 14.96
CA ASP B 9 -6.68 18.92 14.28
C ASP B 9 -7.98 19.70 14.09
N THR B 10 -8.00 20.98 14.48
CA THR B 10 -9.24 21.74 14.42
C THR B 10 -9.18 22.86 13.39
N LEU B 11 -8.64 22.55 12.22
CA LEU B 11 -8.47 23.54 11.17
C LEU B 11 -8.72 22.83 9.83
N PRO B 12 -9.13 23.58 8.80
CA PRO B 12 -9.39 22.95 7.50
C PRO B 12 -8.12 22.33 6.92
N ALA B 13 -8.24 21.15 6.33
CA ALA B 13 -7.10 20.45 5.79
C ALA B 13 -7.19 20.32 4.29
N PRO B 14 -6.05 20.35 3.59
CA PRO B 14 -6.12 20.05 2.16
C PRO B 14 -6.30 18.55 1.97
N THR B 15 -6.73 18.16 0.79
CA THR B 15 -6.95 16.75 0.49
C THR B 15 -6.22 16.36 -0.78
N SER B 16 -6.14 15.04 -1.01
CA SER B 16 -5.68 14.50 -2.29
C SER B 16 -4.28 14.89 -2.73
N LEU B 17 -3.27 14.42 -2.00
CA LEU B 17 -1.90 14.70 -2.36
C LEU B 17 -1.49 13.89 -3.58
N VAL B 18 -0.92 14.57 -4.57
CA VAL B 18 -0.48 13.92 -5.80
C VAL B 18 1.00 14.14 -6.04
N LEU B 19 1.78 13.07 -5.99
CA LEU B 19 3.22 13.15 -6.20
C LEU B 19 3.59 12.63 -7.58
N SER B 20 3.90 13.54 -8.50
CA SER B 20 4.15 13.14 -9.88
C SER B 20 5.43 13.77 -10.41
N GLN B 21 5.60 13.64 -11.73
CA GLN B 21 6.73 14.20 -12.45
C GLN B 21 8.04 13.90 -11.73
N VAL B 22 8.19 12.63 -11.36
CA VAL B 22 9.32 12.18 -10.57
C VAL B 22 10.55 11.98 -11.42
N THR B 23 11.62 12.70 -11.11
CA THR B 23 12.89 12.52 -11.80
C THR B 23 13.94 12.06 -10.81
N SER B 24 15.20 12.10 -11.23
CA SER B 24 16.29 11.73 -10.35
C SER B 24 16.51 12.77 -9.25
N SER B 25 16.11 14.01 -9.50
CA SER B 25 16.42 15.09 -8.55
C SER B 25 15.25 16.00 -8.21
N SER B 26 14.10 15.76 -8.83
CA SER B 26 12.96 16.64 -8.61
C SER B 26 11.64 15.86 -8.64
N ILE B 27 10.67 16.29 -7.83
CA ILE B 27 9.31 15.77 -7.90
C ILE B 27 8.35 16.93 -7.71
N ARG B 28 7.14 16.81 -8.23
CA ARG B 28 6.10 17.79 -7.93
C ARG B 28 4.99 17.22 -7.05
N LEU B 29 4.52 18.02 -6.11
CA LEU B 29 3.42 17.64 -5.24
C LEU B 29 2.24 18.53 -5.56
N SER B 30 1.05 17.93 -5.56
CA SER B 30 -0.19 18.63 -5.81
C SER B 30 -1.25 18.14 -4.84
N TRP B 31 -2.18 19.03 -4.49
CA TRP B 31 -3.21 18.72 -3.51
C TRP B 31 -4.49 19.51 -3.79
N THR B 32 -5.59 19.06 -3.21
CA THR B 32 -6.84 19.82 -3.33
C THR B 32 -7.00 20.69 -2.10
N PRO B 33 -6.92 22.00 -2.29
CA PRO B 33 -6.98 22.96 -1.17
C PRO B 33 -8.32 22.91 -0.48
N ALA B 34 -8.35 23.21 0.82
CA ALA B 34 -9.61 23.33 1.51
C ALA B 34 -10.35 24.54 0.94
N PRO B 35 -11.68 24.53 1.00
CA PRO B 35 -12.47 25.66 0.47
C PRO B 35 -12.03 27.00 1.08
N ARG B 36 -11.73 26.98 2.37
CA ARG B 36 -11.11 28.14 3.02
C ARG B 36 -9.60 28.03 2.96
N HIS B 37 -8.99 28.90 2.15
CA HIS B 37 -7.55 28.86 1.93
C HIS B 37 -6.77 29.44 3.09
N PRO B 38 -5.65 28.79 3.44
CA PRO B 38 -4.78 29.24 4.53
C PRO B 38 -3.94 30.44 4.11
N LEU B 39 -3.13 30.94 5.03
CA LEU B 39 -2.21 32.03 4.72
C LEU B 39 -1.03 31.54 3.91
N LYS B 40 -0.52 30.37 4.29
CA LYS B 40 0.68 29.80 3.72
C LYS B 40 0.56 28.29 3.77
N TYR B 41 1.49 27.61 3.11
CA TYR B 41 1.64 26.17 3.29
C TYR B 41 3.06 25.87 3.70
N LEU B 42 3.22 24.97 4.65
CA LEU B 42 4.55 24.46 4.98
C LEU B 42 4.76 23.13 4.26
N ILE B 43 5.83 23.05 3.47
CA ILE B 43 6.18 21.81 2.79
C ILE B 43 7.49 21.26 3.35
N VAL B 44 7.47 20.00 3.75
CA VAL B 44 8.61 19.35 4.38
C VAL B 44 8.98 18.09 3.63
N TRP B 45 10.25 17.94 3.29
CA TRP B 45 10.70 16.68 2.70
C TRP B 45 11.98 16.23 3.36
N ARG B 46 12.04 14.94 3.66
CA ARG B 46 13.19 14.36 4.32
C ARG B 46 13.43 12.96 3.79
N ALA B 47 14.69 12.54 3.75
CA ALA B 47 15.02 11.18 3.34
C ALA B 47 14.54 10.18 4.39
N SER B 48 13.81 9.16 3.94
CA SER B 48 13.17 8.22 4.86
C SER B 48 14.18 7.44 5.70
N ARG B 49 15.42 7.38 5.23
CA ARG B 49 16.43 6.59 5.90
C ARG B 49 17.24 7.43 6.88
N GLY B 50 16.79 8.66 7.09
CA GLY B 50 17.45 9.57 8.01
C GLY B 50 17.95 10.84 7.35
N GLY B 51 18.26 11.83 8.18
CA GLY B 51 18.77 13.09 7.69
C GLY B 51 17.91 14.25 8.16
N THR B 52 18.48 15.45 8.13
CA THR B 52 17.76 16.64 8.53
C THR B 52 16.72 17.01 7.48
N PRO B 53 15.49 17.26 7.92
CA PRO B 53 14.39 17.67 7.04
C PRO B 53 14.64 19.02 6.38
N ARG B 54 14.16 19.16 5.16
CA ARG B 54 14.22 20.42 4.44
C ARG B 54 12.81 20.98 4.29
N GLU B 55 12.70 22.29 4.23
CA GLU B 55 11.41 22.95 4.24
C GLU B 55 11.37 24.17 3.32
N VAL B 56 10.15 24.52 2.92
CA VAL B 56 9.90 25.74 2.18
C VAL B 56 8.46 26.17 2.44
N VAL B 57 8.23 27.47 2.51
CA VAL B 57 6.88 28.00 2.65
C VAL B 57 6.42 28.60 1.33
N VAL B 58 5.17 28.30 0.93
CA VAL B 58 4.61 28.83 -0.31
C VAL B 58 3.36 29.64 0.01
N GLU B 59 2.78 30.27 -1.00
CA GLU B 59 1.70 31.20 -0.76
C GLU B 59 0.37 30.49 -0.51
N GLY B 60 -0.54 31.21 0.13
CA GLY B 60 -1.84 30.68 0.50
C GLY B 60 -2.71 30.05 -0.59
N PRO B 61 -2.79 30.70 -1.76
CA PRO B 61 -3.67 30.14 -2.80
C PRO B 61 -3.03 29.03 -3.63
N ALA B 62 -1.88 28.54 -3.19
CA ALA B 62 -1.15 27.51 -3.92
C ALA B 62 -1.82 26.14 -3.80
N ALA B 63 -1.77 25.37 -4.88
CA ALA B 63 -2.32 24.01 -4.88
C ALA B 63 -1.25 23.01 -5.31
N SER B 64 -0.04 23.51 -5.54
CA SER B 64 1.06 22.69 -6.05
C SER B 64 2.41 23.35 -5.84
N THR B 65 3.44 22.53 -5.67
CA THR B 65 4.80 23.04 -5.67
C THR B 65 5.80 21.95 -6.08
N GLU B 66 6.95 22.38 -6.60
CA GLU B 66 8.00 21.44 -7.00
C GLU B 66 9.22 21.48 -6.09
N LEU B 67 9.73 20.29 -5.75
CA LEU B 67 10.97 20.13 -4.99
C LEU B 67 12.16 19.86 -5.90
N HIS B 68 13.33 20.40 -5.55
CA HIS B 68 14.52 20.27 -6.38
C HIS B 68 15.71 19.73 -5.57
N ASN B 69 16.81 19.46 -6.27
CA ASN B 69 18.06 19.03 -5.64
C ASN B 69 17.92 17.76 -4.80
N LEU B 70 17.09 16.85 -5.27
CA LEU B 70 16.85 15.62 -4.52
C LEU B 70 17.92 14.59 -4.87
N ALA B 71 18.24 13.73 -3.93
CA ALA B 71 19.16 12.64 -4.19
C ALA B 71 18.47 11.58 -5.02
N SER B 72 19.20 10.98 -5.96
CA SER B 72 18.64 9.97 -6.84
C SER B 72 18.44 8.65 -6.10
N ARG B 73 17.55 7.81 -6.61
CA ARG B 73 17.27 6.50 -6.04
C ARG B 73 16.97 6.59 -4.54
N THR B 74 16.26 7.64 -4.14
CA THR B 74 16.08 7.94 -2.72
C THR B 74 14.62 8.12 -2.34
N GLU B 75 14.25 7.56 -1.20
CA GLU B 75 12.89 7.67 -0.68
C GLU B 75 12.72 8.90 0.22
N TYR B 76 11.73 9.71 -0.11
CA TYR B 76 11.44 10.89 0.71
C TYR B 76 10.04 10.86 1.33
N LEU B 77 9.95 11.27 2.59
CA LEU B 77 8.66 11.52 3.20
C LEU B 77 8.34 12.97 2.88
N VAL B 78 7.20 13.21 2.25
CA VAL B 78 6.85 14.56 1.81
C VAL B 78 5.57 15.01 2.51
N SER B 79 5.63 16.16 3.18
CA SER B 79 4.49 16.63 3.96
C SER B 79 4.02 18.01 3.54
N VAL B 80 2.72 18.24 3.65
CA VAL B 80 2.13 19.55 3.36
C VAL B 80 1.35 20.07 4.57
N PHE B 81 1.82 21.16 5.17
CA PHE B 81 1.15 21.71 6.34
C PHE B 81 0.47 23.03 6.02
N PRO B 82 -0.85 23.10 6.23
CA PRO B 82 -1.54 24.37 6.08
C PRO B 82 -1.31 25.27 7.29
N ILE B 83 -1.13 26.56 7.05
CA ILE B 83 -0.90 27.51 8.12
C ILE B 83 -2.00 28.56 8.14
N TYR B 84 -2.84 28.55 9.16
CA TYR B 84 -3.91 29.52 9.30
C TYR B 84 -3.58 30.56 10.38
N GLU B 85 -4.52 31.46 10.62
CA GLU B 85 -4.38 32.42 11.71
C GLU B 85 -4.46 31.69 13.05
N GLY B 86 -5.20 30.59 13.06
CA GLY B 86 -5.37 29.77 14.25
C GLY B 86 -4.24 28.78 14.44
N GLY B 87 -3.28 28.77 13.53
CA GLY B 87 -2.10 27.94 13.71
C GLY B 87 -1.75 27.01 12.55
N VAL B 88 -1.02 25.96 12.87
CA VAL B 88 -0.66 24.96 11.87
C VAL B 88 -1.60 23.76 11.96
N GLY B 89 -2.23 23.45 10.83
CA GLY B 89 -3.15 22.34 10.73
C GLY B 89 -2.51 21.07 10.25
N GLU B 90 -3.09 19.92 10.63
CA GLU B 90 -2.68 18.65 10.06
C GLU B 90 -2.81 18.71 8.53
N GLY B 91 -1.96 17.98 7.83
CA GLY B 91 -1.96 18.04 6.39
C GLY B 91 -1.82 16.69 5.73
N LEU B 92 -1.44 16.70 4.46
CA LEU B 92 -1.27 15.46 3.72
C LEU B 92 0.19 15.07 3.71
N ARG B 93 0.48 13.78 3.62
CA ARG B 93 1.84 13.35 3.40
C ARG B 93 1.89 11.99 2.72
N GLY B 94 3.04 11.72 2.10
CA GLY B 94 3.22 10.47 1.39
C GLY B 94 4.69 10.19 1.08
N LEU B 95 4.95 8.95 0.67
CA LEU B 95 6.28 8.51 0.34
C LEU B 95 6.47 8.47 -1.18
N VAL B 96 7.59 9.01 -1.64
CA VAL B 96 7.94 8.91 -3.05
C VAL B 96 9.44 8.67 -3.24
N THR B 97 9.78 7.72 -4.13
CA THR B 97 11.17 7.40 -4.45
C THR B 97 11.58 7.99 -5.79
N THR B 98 12.64 8.77 -5.80
CA THR B 98 13.13 9.42 -7.01
C THR B 98 13.71 8.42 -8.02
N ALA B 99 13.66 8.80 -9.30
CA ALA B 99 14.20 7.98 -10.39
C ALA B 99 15.69 7.67 -10.22
N PRO B 100 16.15 6.57 -10.84
CA PRO B 100 17.57 6.19 -10.76
C PRO B 100 18.50 7.21 -11.40
N ALA C 3 17.44 -8.10 26.79
CA ALA C 3 16.04 -7.96 27.21
C ALA C 3 15.21 -7.32 26.10
N ALA C 4 14.45 -8.14 25.38
CA ALA C 4 13.66 -7.66 24.25
C ALA C 4 12.56 -6.71 24.69
N ALA C 5 12.06 -5.92 23.75
CA ALA C 5 10.97 -5.01 24.03
C ALA C 5 9.64 -5.70 23.74
N PRO C 6 8.75 -5.78 24.74
CA PRO C 6 7.50 -6.53 24.61
C PRO C 6 6.55 -5.95 23.56
N ALA C 7 5.82 -6.82 22.87
CA ALA C 7 4.85 -6.38 21.86
C ALA C 7 3.41 -6.62 22.32
N LEU C 8 2.55 -5.64 22.07
CA LEU C 8 1.15 -5.70 22.50
C LEU C 8 0.18 -6.32 21.49
N ASP C 9 -0.68 -7.19 22.00
CA ASP C 9 -1.75 -7.83 21.23
C ASP C 9 -3.00 -6.96 21.11
N THR C 10 -2.94 -5.74 21.63
CA THR C 10 -4.13 -4.89 21.69
C THR C 10 -4.05 -3.64 20.82
N LEU C 11 -3.09 -3.62 19.91
CA LEU C 11 -2.90 -2.47 19.02
C LEU C 11 -3.30 -2.86 17.61
N PRO C 12 -3.67 -1.87 16.78
CA PRO C 12 -4.07 -2.21 15.41
C PRO C 12 -2.95 -2.91 14.66
N ALA C 13 -3.29 -3.94 13.91
CA ALA C 13 -2.29 -4.71 13.18
C ALA C 13 -2.48 -4.59 11.68
N PRO C 14 -1.39 -4.62 10.92
CA PRO C 14 -1.50 -4.68 9.46
C PRO C 14 -1.91 -6.07 9.01
N THR C 15 -2.33 -6.22 7.77
CA THR C 15 -2.75 -7.52 7.27
C THR C 15 -1.99 -7.91 6.02
N SER C 16 -2.04 -9.20 5.69
CA SER C 16 -1.54 -9.72 4.42
C SER C 16 -0.08 -9.36 4.18
N LEU C 17 0.81 -9.93 4.99
CA LEU C 17 2.23 -9.70 4.80
C LEU C 17 2.66 -10.51 3.59
N VAL C 18 3.34 -9.88 2.64
CA VAL C 18 3.77 -10.56 1.43
C VAL C 18 5.29 -10.49 1.27
N LEU C 19 5.94 -11.65 1.33
CA LEU C 19 7.41 -11.69 1.18
C LEU C 19 7.79 -12.24 -0.19
N SER C 20 8.15 -11.34 -1.11
CA SER C 20 8.40 -11.73 -2.50
C SER C 20 9.68 -11.14 -3.10
N GLN C 21 9.81 -11.27 -4.42
CA GLN C 21 10.93 -10.72 -5.19
C GLN C 21 12.27 -11.02 -4.55
N VAL C 22 12.46 -12.29 -4.19
CA VAL C 22 13.65 -12.72 -3.47
C VAL C 22 14.85 -12.92 -4.40
N THR C 23 15.96 -12.27 -4.07
CA THR C 23 17.19 -12.45 -4.81
C THR C 23 18.21 -13.08 -3.90
N SER C 24 19.47 -13.10 -4.32
CA SER C 24 20.56 -13.62 -3.50
C SER C 24 20.83 -12.71 -2.31
N SER C 25 20.43 -11.45 -2.43
CA SER C 25 20.75 -10.45 -1.42
C SER C 25 19.55 -9.61 -1.02
N SER C 26 18.39 -9.88 -1.61
CA SER C 26 17.22 -9.03 -1.37
C SER C 26 15.89 -9.78 -1.29
N ILE C 27 15.01 -9.24 -0.47
CA ILE C 27 13.61 -9.66 -0.41
C ILE C 27 12.77 -8.39 -0.33
N ARG C 28 11.53 -8.45 -0.80
CA ARG C 28 10.62 -7.34 -0.64
C ARG C 28 9.60 -7.61 0.43
N LEU C 29 9.27 -6.57 1.18
CA LEU C 29 8.22 -6.66 2.17
C LEU C 29 7.09 -5.78 1.72
N SER C 30 5.88 -6.32 1.78
CA SER C 30 4.70 -5.55 1.45
C SER C 30 3.63 -5.99 2.42
N TRP C 31 2.81 -5.04 2.84
CA TRP C 31 1.77 -5.35 3.81
C TRP C 31 0.61 -4.41 3.56
N THR C 32 -0.55 -4.83 4.04
CA THR C 32 -1.75 -4.02 3.92
C THR C 32 -1.90 -3.27 5.23
N PRO C 33 -1.80 -1.94 5.19
CA PRO C 33 -1.79 -1.18 6.43
C PRO C 33 -3.12 -1.27 7.17
N ALA C 34 -3.05 -1.21 8.49
CA ALA C 34 -4.25 -1.18 9.32
C ALA C 34 -4.98 0.13 9.08
N PRO C 35 -6.31 0.14 9.31
CA PRO C 35 -7.09 1.36 9.08
C PRO C 35 -6.53 2.58 9.82
N ARG C 36 -6.10 2.40 11.06
CA ARG C 36 -5.41 3.47 11.77
C ARG C 36 -3.90 3.35 11.60
N HIS C 37 -3.28 4.31 10.91
CA HIS C 37 -1.84 4.25 10.62
C HIS C 37 -1.00 4.53 11.87
N PRO C 38 0.10 3.77 12.03
CA PRO C 38 0.98 3.90 13.19
C PRO C 38 1.90 5.10 13.08
N LEU C 39 2.72 5.29 14.10
CA LEU C 39 3.69 6.36 14.09
C LEU C 39 4.83 5.93 13.19
N LYS C 40 5.21 4.67 13.33
CA LYS C 40 6.33 4.08 12.62
C LYS C 40 6.11 2.58 12.46
N TYR C 41 6.96 1.93 11.70
CA TYR C 41 6.98 0.47 11.64
C TYR C 41 8.37 0.00 12.02
N LEU C 42 8.46 -1.00 12.90
CA LEU C 42 9.74 -1.62 13.17
C LEU C 42 9.81 -2.88 12.35
N ILE C 43 10.82 -2.98 11.51
CA ILE C 43 11.01 -4.15 10.67
C ILE C 43 12.25 -4.91 11.13
N VAL C 44 12.07 -6.19 11.41
CA VAL C 44 13.13 -7.02 11.97
C VAL C 44 13.35 -8.28 11.13
N TRP C 45 14.60 -8.54 10.78
CA TRP C 45 14.94 -9.79 10.11
C TRP C 45 16.17 -10.45 10.72
N ARG C 46 16.08 -11.76 10.88
CA ARG C 46 17.11 -12.57 11.51
C ARG C 46 17.33 -13.90 10.78
N ALA C 47 18.57 -14.37 10.78
CA ALA C 47 18.91 -15.67 10.22
C ALA C 47 18.38 -16.81 11.08
N SER C 48 17.67 -17.74 10.45
CA SER C 48 16.99 -18.82 11.16
C SER C 48 17.93 -19.81 11.87
N ARG C 49 19.19 -19.87 11.42
CA ARG C 49 20.13 -20.86 11.95
C ARG C 49 20.97 -20.34 13.10
N GLY C 50 20.64 -19.15 13.58
CA GLY C 50 21.38 -18.54 14.67
C GLY C 50 22.00 -17.28 14.12
N GLY C 51 21.87 -16.16 14.82
CA GLY C 51 22.46 -14.94 14.34
C GLY C 51 21.87 -13.68 14.92
N THR C 52 22.59 -12.58 14.79
CA THR C 52 22.13 -11.31 15.31
C THR C 52 20.99 -10.74 14.47
N PRO C 53 19.89 -10.35 15.14
CA PRO C 53 18.73 -9.74 14.48
C PRO C 53 19.12 -8.40 13.83
N ARG C 54 18.54 -8.11 12.69
CA ARG C 54 18.77 -6.85 12.01
C ARG C 54 17.48 -6.07 12.00
N GLU C 55 17.57 -4.75 12.04
CA GLU C 55 16.36 -3.95 12.18
C GLU C 55 16.45 -2.64 11.39
N VAL C 56 15.29 -2.10 11.06
CA VAL C 56 15.17 -0.79 10.47
C VAL C 56 13.80 -0.24 10.81
N VAL C 57 13.74 1.06 11.07
CA VAL C 57 12.45 1.69 11.31
C VAL C 57 12.07 2.51 10.09
N VAL C 58 10.83 2.40 9.64
CA VAL C 58 10.39 3.14 8.46
C VAL C 58 9.25 4.05 8.82
N GLU C 59 8.80 4.82 7.83
CA GLU C 59 7.85 5.88 8.12
C GLU C 59 6.43 5.34 8.29
N GLY C 60 5.59 6.14 8.94
CA GLY C 60 4.21 5.79 9.23
C GLY C 60 3.33 5.39 8.04
N PRO C 61 3.39 6.14 6.93
CA PRO C 61 2.54 5.80 5.80
C PRO C 61 3.09 4.68 4.90
N ALA C 62 4.10 3.96 5.38
CA ALA C 62 4.74 2.93 4.58
C ALA C 62 3.90 1.67 4.45
N ALA C 63 3.92 1.10 3.25
CA ALA C 63 3.23 -0.17 3.00
C ALA C 63 4.21 -1.17 2.41
N SER C 64 5.46 -0.74 2.28
CA SER C 64 6.50 -1.58 1.66
C SER C 64 7.92 -1.12 1.97
N THR C 65 8.83 -2.08 2.03
CA THR C 65 10.25 -1.79 2.07
C THR C 65 11.01 -3.01 1.56
N GLU C 66 12.22 -2.77 1.04
CA GLU C 66 13.05 -3.88 0.59
C GLU C 66 14.22 -4.04 1.55
N LEU C 67 14.51 -5.28 1.91
CA LEU C 67 15.66 -5.59 2.75
C LEU C 67 16.84 -5.95 1.88
N HIS C 68 18.04 -5.54 2.29
CA HIS C 68 19.23 -5.76 1.49
C HIS C 68 20.36 -6.43 2.30
N ASN C 69 21.43 -6.76 1.60
CA ASN C 69 22.66 -7.28 2.21
C ASN C 69 22.50 -8.58 3.00
N LEU C 70 21.65 -9.48 2.51
CA LEU C 70 21.42 -10.78 3.14
C LEU C 70 22.37 -11.88 2.65
N ALA C 71 22.68 -12.82 3.55
CA ALA C 71 23.52 -13.96 3.26
C ALA C 71 22.86 -15.03 2.38
N SER C 72 23.67 -15.67 1.54
CA SER C 72 23.19 -16.68 0.60
C SER C 72 22.83 -17.99 1.31
N ARG C 73 22.02 -18.80 0.63
CA ARG C 73 21.58 -20.10 1.13
C ARG C 73 20.94 -19.99 2.52
N THR C 74 20.22 -18.90 2.76
CA THR C 74 19.72 -18.64 4.10
C THR C 74 18.24 -18.28 4.18
N GLU C 75 17.53 -18.89 5.13
CA GLU C 75 16.15 -18.55 5.40
C GLU C 75 16.10 -17.51 6.52
N TYR C 76 15.33 -16.44 6.31
CA TYR C 76 15.20 -15.40 7.32
C TYR C 76 13.79 -15.29 7.88
N LEU C 77 13.71 -15.07 9.19
CA LEU C 77 12.45 -14.71 9.81
C LEU C 77 12.28 -13.20 9.73
N VAL C 78 11.20 -12.77 9.10
CA VAL C 78 10.99 -11.36 8.86
C VAL C 78 9.74 -10.86 9.56
N SER C 79 9.90 -9.84 10.40
CA SER C 79 8.80 -9.38 11.22
C SER C 79 8.47 -7.91 10.98
N VAL C 80 7.18 -7.60 11.07
CA VAL C 80 6.73 -6.23 10.95
C VAL C 80 6.00 -5.83 12.21
N PHE C 81 6.59 -4.91 12.97
CA PHE C 81 6.01 -4.45 14.21
C PHE C 81 5.49 -3.04 13.99
N PRO C 82 4.18 -2.84 14.13
CA PRO C 82 3.67 -1.48 14.07
C PRO C 82 3.95 -0.77 15.40
N ILE C 83 4.31 0.51 15.34
CA ILE C 83 4.58 1.26 16.57
C ILE C 83 3.61 2.44 16.69
N TYR C 84 2.71 2.36 17.67
CA TYR C 84 1.74 3.41 17.89
C TYR C 84 2.08 4.24 19.11
N GLU C 85 1.20 5.16 19.45
CA GLU C 85 1.37 5.95 20.66
C GLU C 85 1.24 5.01 21.84
N GLY C 86 0.46 3.95 21.66
CA GLY C 86 0.22 2.96 22.69
C GLY C 86 1.29 1.89 22.80
N GLY C 87 2.31 1.95 21.95
CA GLY C 87 3.42 1.03 22.07
C GLY C 87 3.77 0.29 20.80
N VAL C 88 4.41 -0.87 20.98
CA VAL C 88 4.75 -1.75 19.87
C VAL C 88 3.74 -2.89 19.74
N GLY C 89 3.19 -3.05 18.54
CA GLY C 89 2.20 -4.07 18.30
C GLY C 89 2.86 -5.39 17.90
N GLU C 90 2.15 -6.49 18.15
CA GLU C 90 2.58 -7.82 17.74
C GLU C 90 2.95 -7.93 16.26
N GLY C 91 2.13 -7.36 15.40
CA GLY C 91 2.30 -7.44 13.95
C GLY C 91 2.46 -8.82 13.34
N LEU C 92 2.88 -8.86 12.08
CA LEU C 92 3.06 -10.10 11.32
C LEU C 92 4.51 -10.55 11.19
N ARG C 93 4.71 -11.85 10.95
CA ARG C 93 6.03 -12.37 10.62
C ARG C 93 5.89 -13.59 9.72
N GLY C 94 6.97 -13.90 9.00
CA GLY C 94 6.98 -15.02 8.09
C GLY C 94 8.39 -15.41 7.68
N LEU C 95 8.52 -16.59 7.08
CA LEU C 95 9.82 -17.10 6.66
C LEU C 95 10.05 -16.98 5.16
N VAL C 96 11.24 -16.52 4.79
CA VAL C 96 11.64 -16.49 3.39
C VAL C 96 13.09 -16.97 3.26
N THR C 97 13.33 -17.82 2.26
CA THR C 97 14.66 -18.37 2.04
C THR C 97 15.34 -17.65 0.88
N THR C 98 16.64 -17.43 1.02
CA THR C 98 17.41 -16.63 0.06
C THR C 98 18.30 -17.50 -0.83
N ALA D 3 -22.16 11.89 -20.81
CA ALA D 3 -22.77 10.57 -20.73
C ALA D 3 -22.10 9.72 -19.66
N ALA D 4 -21.13 10.32 -18.98
CA ALA D 4 -20.32 9.65 -17.96
C ALA D 4 -21.10 9.23 -16.72
N ALA D 5 -20.53 8.30 -15.96
CA ALA D 5 -21.13 7.81 -14.71
C ALA D 5 -20.63 8.64 -13.53
N PRO D 6 -21.55 9.22 -12.75
CA PRO D 6 -21.22 10.13 -11.65
C PRO D 6 -20.48 9.47 -10.48
N ALA D 7 -19.59 10.20 -9.84
CA ALA D 7 -18.87 9.68 -8.68
C ALA D 7 -19.30 10.40 -7.39
N LEU D 8 -19.48 9.61 -6.32
CA LEU D 8 -19.96 10.10 -5.04
C LEU D 8 -18.86 10.60 -4.12
N ASP D 9 -19.07 11.76 -3.51
CA ASP D 9 -18.13 12.33 -2.56
C ASP D 9 -18.29 11.75 -1.16
N THR D 10 -19.21 10.79 -0.99
CA THR D 10 -19.48 10.27 0.34
C THR D 10 -19.07 8.81 0.46
N LEU D 11 -17.87 8.53 -0.03
CA LEU D 11 -17.32 7.18 -0.01
C LEU D 11 -15.84 7.33 0.26
N PRO D 12 -15.22 6.30 0.83
CA PRO D 12 -13.79 6.40 1.14
C PRO D 12 -12.94 6.62 -0.11
N ALA D 13 -11.95 7.49 0.01
CA ALA D 13 -11.05 7.74 -1.10
C ALA D 13 -9.67 7.28 -0.68
N PRO D 14 -8.88 6.78 -1.63
CA PRO D 14 -7.48 6.43 -1.34
C PRO D 14 -6.65 7.71 -1.23
N THR D 15 -5.43 7.61 -0.71
CA THR D 15 -4.58 8.79 -0.56
C THR D 15 -3.23 8.62 -1.22
N SER D 16 -2.55 9.75 -1.41
CA SER D 16 -1.16 9.79 -1.84
C SER D 16 -0.92 9.08 -3.16
N LEU D 17 -1.48 9.64 -4.23
CA LEU D 17 -1.28 9.09 -5.56
C LEU D 17 0.12 9.45 -6.08
N VAL D 18 0.83 8.45 -6.56
CA VAL D 18 2.19 8.67 -7.07
C VAL D 18 2.29 8.27 -8.53
N LEU D 19 2.57 9.25 -9.39
CA LEU D 19 2.73 9.02 -10.81
C LEU D 19 4.21 9.10 -11.16
N SER D 20 4.85 7.95 -11.35
CA SER D 20 6.29 7.92 -11.55
C SER D 20 6.75 7.06 -12.71
N GLN D 21 8.07 6.84 -12.77
CA GLN D 21 8.72 5.95 -13.73
C GLN D 21 8.20 6.19 -15.15
N VAL D 22 8.21 7.46 -15.53
CA VAL D 22 7.68 7.94 -16.80
C VAL D 22 8.63 7.74 -17.99
N THR D 23 8.12 7.09 -19.05
CA THR D 23 8.90 6.91 -20.26
C THR D 23 8.26 7.67 -21.42
N SER D 24 8.71 7.38 -22.64
CA SER D 24 8.14 7.97 -23.84
C SER D 24 6.73 7.43 -24.09
N SER D 25 6.46 6.25 -23.56
CA SER D 25 5.19 5.57 -23.82
C SER D 25 4.55 4.95 -22.57
N SER D 26 5.19 5.07 -21.41
CA SER D 26 4.68 4.39 -20.20
C SER D 26 4.87 5.16 -18.88
N ILE D 27 3.91 5.01 -17.98
CA ILE D 27 4.01 5.51 -16.59
C ILE D 27 3.46 4.49 -15.57
N ARG D 28 3.92 4.56 -14.33
CA ARG D 28 3.37 3.74 -13.25
C ARG D 28 2.53 4.53 -12.23
N LEU D 29 1.47 3.89 -11.72
CA LEU D 29 0.55 4.49 -10.73
C LEU D 29 0.63 3.85 -9.35
N SER D 30 0.61 4.66 -8.30
CA SER D 30 0.65 4.16 -6.93
C SER D 30 -0.24 4.95 -5.98
N TRP D 31 -0.85 4.26 -5.01
CA TRP D 31 -1.70 4.93 -4.04
C TRP D 31 -1.81 4.18 -2.72
N THR D 32 -2.21 4.90 -1.68
CA THR D 32 -2.46 4.34 -0.35
C THR D 32 -3.94 4.08 -0.12
N PRO D 33 -4.32 2.81 0.08
CA PRO D 33 -5.73 2.45 0.23
C PRO D 33 -6.39 3.07 1.46
N ALA D 34 -7.69 3.33 1.35
CA ALA D 34 -8.51 3.82 2.46
C ALA D 34 -8.69 2.76 3.56
N PRO D 35 -9.00 3.21 4.79
CA PRO D 35 -9.20 2.25 5.89
C PRO D 35 -10.25 1.17 5.58
N ARG D 36 -11.35 1.55 4.93
CA ARG D 36 -12.32 0.57 4.43
C ARG D 36 -12.03 0.23 2.96
N HIS D 37 -11.63 -1.02 2.71
CA HIS D 37 -11.22 -1.45 1.37
C HIS D 37 -12.38 -1.66 0.41
N PRO D 38 -12.23 -1.23 -0.86
CA PRO D 38 -13.20 -1.30 -1.95
C PRO D 38 -13.34 -2.63 -2.69
N LEU D 39 -14.29 -2.68 -3.62
CA LEU D 39 -14.48 -3.82 -4.52
C LEU D 39 -13.55 -3.80 -5.74
N LYS D 40 -13.39 -2.64 -6.36
CA LYS D 40 -12.63 -2.50 -7.61
C LYS D 40 -11.99 -1.12 -7.71
N TYR D 41 -11.11 -0.94 -8.69
CA TYR D 41 -10.60 0.39 -9.04
C TYR D 41 -10.77 0.67 -10.53
N LEU D 42 -11.24 1.88 -10.86
CA LEU D 42 -11.29 2.35 -12.25
C LEU D 42 -10.16 3.32 -12.58
N ILE D 43 -9.39 3.01 -13.62
CA ILE D 43 -8.30 3.91 -14.03
C ILE D 43 -8.58 4.59 -15.37
N VAL D 44 -8.53 5.91 -15.38
CA VAL D 44 -8.87 6.71 -16.57
C VAL D 44 -7.80 7.74 -16.95
N TRP D 45 -7.37 7.75 -18.20
CA TRP D 45 -6.44 8.79 -18.66
C TRP D 45 -6.77 9.41 -20.04
N ARG D 46 -6.51 10.71 -20.15
CA ARG D 46 -6.80 11.49 -21.36
C ARG D 46 -5.64 12.47 -21.62
N ALA D 47 -5.40 12.80 -22.90
CA ALA D 47 -4.40 13.81 -23.26
C ALA D 47 -4.88 15.19 -22.83
N SER D 48 -4.02 15.93 -22.12
CA SER D 48 -4.45 17.17 -21.48
C SER D 48 -4.91 18.29 -22.42
N ARG D 49 -4.42 18.27 -23.66
CA ARG D 49 -4.81 19.32 -24.59
C ARG D 49 -5.88 18.80 -25.56
N GLY D 50 -6.46 17.65 -25.23
CA GLY D 50 -7.50 17.06 -26.06
C GLY D 50 -7.25 15.64 -26.54
N GLY D 51 -8.28 14.81 -26.40
CA GLY D 51 -8.24 13.42 -26.83
C GLY D 51 -9.35 12.58 -26.21
N THR D 52 -9.62 11.44 -26.84
CA THR D 52 -10.65 10.51 -26.38
C THR D 52 -10.19 9.79 -25.12
N PRO D 53 -11.05 9.74 -24.08
CA PRO D 53 -10.66 9.07 -22.83
C PRO D 53 -10.33 7.59 -23.01
N ARG D 54 -9.30 7.13 -22.32
CA ARG D 54 -8.88 5.73 -22.37
C ARG D 54 -8.96 5.15 -20.95
N GLU D 55 -9.32 3.88 -20.81
CA GLU D 55 -9.60 3.32 -19.48
C GLU D 55 -9.21 1.86 -19.23
N VAL D 56 -9.05 1.52 -17.94
CA VAL D 56 -8.88 0.13 -17.53
C VAL D 56 -9.29 -0.03 -16.04
N VAL D 57 -9.94 -1.16 -15.72
CA VAL D 57 -10.34 -1.48 -14.34
C VAL D 57 -9.51 -2.58 -13.72
N VAL D 58 -9.14 -2.42 -12.45
CA VAL D 58 -8.32 -3.39 -11.75
C VAL D 58 -9.09 -3.96 -10.56
N GLU D 59 -8.52 -4.94 -9.88
CA GLU D 59 -9.21 -5.62 -8.78
C GLU D 59 -9.09 -4.82 -7.49
N GLY D 60 -9.94 -5.13 -6.51
CA GLY D 60 -10.05 -4.36 -5.29
C GLY D 60 -8.88 -4.03 -4.39
N PRO D 61 -8.00 -4.99 -4.07
CA PRO D 61 -6.90 -4.62 -3.18
C PRO D 61 -5.70 -4.02 -3.93
N ALA D 62 -5.89 -3.59 -5.16
CA ALA D 62 -4.79 -3.10 -5.98
C ALA D 62 -4.26 -1.74 -5.52
N ALA D 63 -2.93 -1.60 -5.57
CA ALA D 63 -2.26 -0.36 -5.20
C ALA D 63 -1.35 0.10 -6.33
N SER D 64 -1.39 -0.60 -7.46
CA SER D 64 -0.49 -0.29 -8.57
C SER D 64 -1.03 -0.78 -9.92
N THR D 65 -0.72 -0.02 -10.96
CA THR D 65 -0.93 -0.43 -12.34
C THR D 65 -0.04 0.41 -13.27
N GLU D 66 0.33 -0.14 -14.41
CA GLU D 66 1.10 0.62 -15.40
C GLU D 66 0.29 0.87 -16.69
N LEU D 67 0.36 2.11 -17.18
CA LEU D 67 -0.27 2.49 -18.45
C LEU D 67 0.70 2.46 -19.64
N HIS D 68 0.18 2.10 -20.82
CA HIS D 68 1.00 1.95 -22.02
C HIS D 68 0.46 2.76 -23.20
N ASN D 69 1.18 2.70 -24.32
CA ASN D 69 0.76 3.31 -25.58
C ASN D 69 0.54 4.82 -25.54
N LEU D 70 1.36 5.52 -24.77
CA LEU D 70 1.24 6.97 -24.67
C LEU D 70 2.10 7.67 -25.72
N ALA D 71 1.63 8.83 -26.17
CA ALA D 71 2.40 9.69 -27.08
C ALA D 71 3.51 10.38 -26.30
N SER D 72 4.67 10.56 -26.94
CA SER D 72 5.81 11.15 -26.27
C SER D 72 5.67 12.65 -26.03
N ARG D 73 6.38 13.15 -25.01
CA ARG D 73 6.39 14.57 -24.64
C ARG D 73 4.98 15.15 -24.45
N THR D 74 4.07 14.35 -23.91
CA THR D 74 2.66 14.72 -23.84
C THR D 74 2.16 14.59 -22.41
N GLU D 75 1.38 15.57 -21.96
CA GLU D 75 0.83 15.55 -20.62
C GLU D 75 -0.50 14.82 -20.57
N TYR D 76 -0.61 13.86 -19.67
CA TYR D 76 -1.84 13.10 -19.50
C TYR D 76 -2.41 13.30 -18.10
N LEU D 77 -3.72 13.48 -18.02
CA LEU D 77 -4.43 13.46 -16.75
C LEU D 77 -4.85 12.02 -16.45
N VAL D 78 -4.44 11.51 -15.29
CA VAL D 78 -4.67 10.13 -14.92
C VAL D 78 -5.54 10.05 -13.64
N SER D 79 -6.63 9.29 -13.70
CA SER D 79 -7.58 9.27 -12.58
C SER D 79 -7.75 7.88 -11.97
N VAL D 80 -7.97 7.84 -10.66
CA VAL D 80 -8.22 6.59 -9.95
C VAL D 80 -9.56 6.61 -9.21
N PHE D 81 -10.51 5.79 -9.65
CA PHE D 81 -11.81 5.76 -9.01
C PHE D 81 -12.00 4.49 -8.21
N PRO D 82 -12.24 4.62 -6.89
CA PRO D 82 -12.57 3.43 -6.13
C PRO D 82 -14.03 3.03 -6.37
N ILE D 83 -14.29 1.74 -6.47
CA ILE D 83 -15.64 1.23 -6.70
C ILE D 83 -16.08 0.35 -5.55
N TYR D 84 -17.05 0.85 -4.78
CA TYR D 84 -17.59 0.15 -3.62
C TYR D 84 -18.98 -0.42 -3.83
N GLU D 85 -19.55 -0.96 -2.76
CA GLU D 85 -20.92 -1.42 -2.76
C GLU D 85 -21.86 -0.23 -2.92
N GLY D 86 -21.44 0.91 -2.42
CA GLY D 86 -22.23 2.13 -2.51
C GLY D 86 -22.04 2.87 -3.81
N GLY D 87 -21.17 2.35 -4.67
CA GLY D 87 -21.00 2.94 -5.98
C GLY D 87 -19.55 3.29 -6.26
N VAL D 88 -19.35 4.25 -7.14
CA VAL D 88 -18.02 4.76 -7.40
C VAL D 88 -17.79 6.03 -6.60
N GLY D 89 -16.72 6.05 -5.83
CA GLY D 89 -16.39 7.20 -5.02
C GLY D 89 -15.46 8.09 -5.82
N GLU D 90 -15.49 9.39 -5.54
CA GLU D 90 -14.50 10.28 -6.13
C GLU D 90 -13.12 9.77 -5.77
N GLY D 91 -12.16 9.97 -6.67
CA GLY D 91 -10.83 9.46 -6.42
C GLY D 91 -9.83 10.56 -6.66
N LEU D 92 -8.58 10.17 -6.81
CA LEU D 92 -7.54 11.16 -7.04
C LEU D 92 -7.23 11.21 -8.51
N ARG D 93 -6.70 12.34 -8.95
CA ARG D 93 -6.24 12.44 -10.31
C ARG D 93 -5.06 13.40 -10.34
N GLY D 94 -4.27 13.33 -11.41
CA GLY D 94 -3.12 14.19 -11.53
C GLY D 94 -2.57 14.26 -12.93
N LEU D 95 -1.71 15.25 -13.16
CA LEU D 95 -1.13 15.47 -14.46
C LEU D 95 0.30 14.94 -14.49
N VAL D 96 0.62 14.19 -15.54
CA VAL D 96 1.98 13.74 -15.76
C VAL D 96 2.34 13.84 -17.24
N THR D 97 3.53 14.36 -17.52
CA THR D 97 3.97 14.51 -18.90
C THR D 97 4.96 13.41 -19.27
N THR D 98 4.63 12.67 -20.33
CA THR D 98 5.48 11.57 -20.76
C THR D 98 6.80 12.09 -21.33
N ALA D 99 7.85 11.28 -21.22
CA ALA D 99 9.16 11.64 -21.74
C ALA D 99 9.12 11.93 -23.24
#